data_8RQI
#
_entry.id   8RQI
#
_cell.length_a   86.496
_cell.length_b   86.496
_cell.length_c   46.670
_cell.angle_alpha   90.000
_cell.angle_beta   90.000
_cell.angle_gamma   90.000
#
_symmetry.space_group_name_H-M   'P 43'
#
loop_
_entity.id
_entity.type
_entity.pdbx_description
1 polymer NopD
2 polymer Polyubiquitin-B
3 non-polymer prop-2-en-1-amine
4 water water
#
loop_
_entity_poly.entity_id
_entity_poly.type
_entity_poly.pdbx_seq_one_letter_code
_entity_poly.pdbx_strand_id
1 'polypeptide(L)'
;MGSSHHHHHHSSGLVPRGSHGPRGRRVAQFIHHPRPSPVPGAQIGPSATVASSGHRSGPVLGPTQWLGDEHIQRDYELLA
QELQQNNPDLAARTRFVDPLIAQMLRSPSKEVAERALGWVRPGTADFLFLPVSDASDTDRHQRGSHWSLLLVDRRDRGRR
VAYHYDSTQGYNDGLAAELAGRLDANLQQAPIRQQQNSYDCGVFVLDGTRELVRRLAARRPDLNLNNLVISRQELRDRLG
AGVGFN
;
A
2 'polypeptide(L)' MQIFVKTLTGKTITLEVEPSDTIENVKAKIQDKEGIPPDQQRLIFAGKQLEDGRTLSDYNIQKESTLHLVLRLRG B
#
# COMPACT_ATOMS: atom_id res chain seq x y z
N GLY A 58 2.11 12.55 12.80
CA GLY A 58 3.30 11.81 12.38
C GLY A 58 3.13 11.12 11.04
N PRO A 59 3.46 9.81 10.98
CA PRO A 59 4.18 9.08 12.02
C PRO A 59 5.68 9.36 11.91
N VAL A 60 6.39 9.46 13.03
CA VAL A 60 7.80 9.82 12.94
C VAL A 60 8.63 8.57 12.63
N LEU A 61 9.83 8.80 12.11
CA LEU A 61 10.69 7.77 11.58
C LEU A 61 12.09 8.03 12.10
N GLY A 62 12.71 7.01 12.69
CA GLY A 62 14.05 7.11 13.24
C GLY A 62 15.12 7.16 12.17
N PRO A 63 16.35 7.46 12.58
CA PRO A 63 17.44 7.59 11.59
C PRO A 63 17.75 6.31 10.84
N THR A 64 17.59 5.14 11.46
CA THR A 64 17.87 3.87 10.82
C THR A 64 16.69 2.92 10.86
N GLN A 65 15.48 3.45 11.05
CA GLN A 65 14.30 2.63 11.22
C GLN A 65 13.76 2.18 9.87
N TRP A 66 13.43 0.89 9.78
CA TRP A 66 12.67 0.38 8.65
C TRP A 66 11.35 1.13 8.51
N LEU A 67 10.97 1.45 7.27
CA LEU A 67 9.66 2.05 7.04
C LEU A 67 8.56 1.01 7.22
N GLY A 68 7.48 1.40 7.89
CA GLY A 68 6.29 0.58 7.95
C GLY A 68 5.29 1.03 6.89
N ASP A 69 4.19 0.27 6.78
CA ASP A 69 3.14 0.68 5.84
C ASP A 69 2.61 2.06 6.21
N GLU A 70 2.65 2.42 7.51
CA GLU A 70 2.17 3.73 7.93
C GLU A 70 3.02 4.86 7.35
N HIS A 71 4.34 4.68 7.25
CA HIS A 71 5.19 5.70 6.65
C HIS A 71 4.96 5.80 5.14
N ILE A 72 4.86 4.66 4.47
CA ILE A 72 4.68 4.67 3.02
C ILE A 72 3.34 5.28 2.65
N GLN A 73 2.28 4.86 3.36
CA GLN A 73 0.95 5.40 3.09
C GLN A 73 0.90 6.91 3.37
N ARG A 74 1.50 7.35 4.47
CA ARG A 74 1.44 8.79 4.76
C ARG A 74 2.16 9.61 3.68
N ASP A 75 3.32 9.14 3.21
CA ASP A 75 3.98 9.90 2.14
C ASP A 75 3.17 9.85 0.86
N TYR A 76 2.50 8.73 0.58
CA TYR A 76 1.67 8.64 -0.61
C TYR A 76 0.46 9.56 -0.52
N GLU A 77 -0.09 9.76 0.68
CA GLU A 77 -1.17 10.73 0.85
C GLU A 77 -0.66 12.14 0.63
N LEU A 78 0.49 12.48 1.20
CA LEU A 78 1.10 13.78 0.95
C LEU A 78 1.30 13.99 -0.54
N LEU A 79 1.93 13.03 -1.21
CA LEU A 79 2.16 13.16 -2.65
C LEU A 79 0.86 13.31 -3.41
N ALA A 80 -0.15 12.48 -3.07
CA ALA A 80 -1.41 12.56 -3.77
C ALA A 80 -2.01 13.96 -3.65
N GLN A 81 -1.92 14.57 -2.47
CA GLN A 81 -2.46 15.91 -2.32
C GLN A 81 -1.60 16.94 -3.07
N GLU A 82 -0.27 16.81 -3.02
CA GLU A 82 0.59 17.72 -3.78
C GLU A 82 0.26 17.67 -5.26
N LEU A 83 0.14 16.46 -5.83
CA LEU A 83 -0.07 16.34 -7.27
C LEU A 83 -1.42 16.91 -7.70
N GLN A 84 -2.47 16.71 -6.88
CA GLN A 84 -3.78 17.23 -7.27
C GLN A 84 -3.79 18.76 -7.23
N GLN A 85 -2.88 19.36 -6.49
CA GLN A 85 -2.72 20.81 -6.49
C GLN A 85 -1.91 21.31 -7.69
N ASN A 86 -0.80 20.65 -8.00
CA ASN A 86 0.09 21.16 -9.03
C ASN A 86 -0.23 20.63 -10.41
N ASN A 87 -0.80 19.45 -10.52
CA ASN A 87 -1.12 18.84 -11.82
C ASN A 87 -2.35 17.98 -11.65
N PRO A 88 -3.54 18.61 -11.54
CA PRO A 88 -4.75 17.82 -11.27
C PRO A 88 -5.10 16.86 -12.40
N ASP A 89 -4.73 17.18 -13.64
CA ASP A 89 -5.01 16.29 -14.76
C ASP A 89 -4.21 15.00 -14.63
N LEU A 90 -2.91 15.10 -14.37
CA LEU A 90 -2.10 13.91 -14.15
C LEU A 90 -2.51 13.17 -12.88
N ALA A 91 -2.99 13.91 -11.86
CA ALA A 91 -3.39 13.28 -10.62
C ALA A 91 -4.64 12.41 -10.81
N ALA A 92 -5.55 12.84 -11.67
CA ALA A 92 -6.75 12.05 -11.96
C ALA A 92 -6.40 10.77 -12.70
N ARG A 93 -5.31 10.79 -13.48
CA ARG A 93 -4.85 9.65 -14.24
C ARG A 93 -3.99 8.68 -13.43
N THR A 94 -3.74 8.95 -12.14
CA THR A 94 -2.68 8.29 -11.38
C THR A 94 -3.23 7.74 -10.07
N ARG A 95 -2.85 6.51 -9.72
CA ARG A 95 -3.20 5.93 -8.43
C ARG A 95 -1.94 5.69 -7.61
N PHE A 96 -1.91 6.22 -6.39
CA PHE A 96 -0.87 5.91 -5.42
C PHE A 96 -1.51 4.90 -4.47
N VAL A 97 -1.22 3.62 -4.70
CA VAL A 97 -1.96 2.53 -4.07
C VAL A 97 -1.43 2.33 -2.65
N ASP A 98 -2.35 2.33 -1.69
CA ASP A 98 -2.05 1.97 -0.31
C ASP A 98 -1.25 0.65 -0.28
N PRO A 99 -0.12 0.60 0.42
CA PRO A 99 0.62 -0.69 0.51
C PRO A 99 -0.21 -1.85 0.99
N LEU A 100 -1.20 -1.62 1.86
CA LEU A 100 -2.04 -2.72 2.34
C LEU A 100 -2.97 -3.18 1.24
N ILE A 101 -3.45 -2.24 0.42
CA ILE A 101 -4.31 -2.62 -0.69
C ILE A 101 -3.49 -3.34 -1.76
N ALA A 102 -2.23 -2.95 -1.92
CA ALA A 102 -1.37 -3.66 -2.87
C ALA A 102 -1.19 -5.12 -2.46
N GLN A 103 -1.05 -5.39 -1.16
CA GLN A 103 -0.96 -6.79 -0.73
C GLN A 103 -2.28 -7.52 -0.97
N MET A 104 -3.40 -6.87 -0.71
CA MET A 104 -4.70 -7.47 -1.01
C MET A 104 -4.83 -7.84 -2.47
N LEU A 105 -4.23 -7.05 -3.36
CA LEU A 105 -4.32 -7.33 -4.79
C LEU A 105 -3.73 -8.68 -5.14
N ARG A 106 -2.75 -9.17 -4.38
CA ARG A 106 -2.15 -10.47 -4.64
C ARG A 106 -2.70 -11.55 -3.73
N SER A 107 -3.87 -11.32 -3.12
CA SER A 107 -4.40 -12.27 -2.16
C SER A 107 -4.74 -13.59 -2.84
N PRO A 108 -4.53 -14.72 -2.17
CA PRO A 108 -4.99 -16.00 -2.73
C PRO A 108 -6.50 -16.10 -2.77
N SER A 109 -7.21 -15.20 -2.09
CA SER A 109 -8.66 -15.17 -2.11
C SER A 109 -9.11 -14.25 -3.22
N LYS A 110 -9.82 -14.79 -4.22
CA LYS A 110 -10.13 -13.92 -5.35
C LYS A 110 -11.19 -12.89 -4.98
N GLU A 111 -12.03 -13.19 -3.99
CA GLU A 111 -12.98 -12.20 -3.50
C GLU A 111 -12.27 -11.03 -2.81
N VAL A 112 -11.18 -11.29 -2.09
CA VAL A 112 -10.42 -10.20 -1.50
C VAL A 112 -9.70 -9.39 -2.58
N ALA A 113 -9.15 -10.06 -3.59
CA ALA A 113 -8.44 -9.33 -4.62
C ALA A 113 -9.38 -8.46 -5.45
N GLU A 114 -10.61 -8.94 -5.72
CA GLU A 114 -11.52 -8.16 -6.55
C GLU A 114 -12.05 -6.95 -5.81
N ARG A 115 -12.20 -7.05 -4.49
CA ARG A 115 -12.46 -5.87 -3.68
C ARG A 115 -11.33 -4.84 -3.80
N ALA A 116 -10.08 -5.30 -3.67
CA ALA A 116 -8.95 -4.37 -3.75
C ALA A 116 -8.88 -3.73 -5.14
N LEU A 117 -9.20 -4.50 -6.18
CA LEU A 117 -9.24 -3.95 -7.53
C LEU A 117 -10.27 -2.84 -7.65
N GLY A 118 -11.44 -3.01 -7.02
CA GLY A 118 -12.48 -1.99 -7.08
C GLY A 118 -12.09 -0.70 -6.35
N TRP A 119 -11.25 -0.80 -5.33
CA TRP A 119 -10.76 0.40 -4.64
C TRP A 119 -9.69 1.12 -5.46
N VAL A 120 -8.84 0.36 -6.14
CA VAL A 120 -7.79 0.96 -6.96
C VAL A 120 -8.36 1.67 -8.19
N ARG A 121 -9.47 1.17 -8.74
CA ARG A 121 -10.09 1.71 -9.95
C ARG A 121 -9.10 1.80 -11.11
N PRO A 122 -8.43 0.69 -11.44
CA PRO A 122 -7.41 0.75 -12.51
C PRO A 122 -7.96 1.12 -13.88
N GLY A 123 -9.23 0.82 -14.18
CA GLY A 123 -9.73 0.97 -15.53
C GLY A 123 -9.69 2.38 -16.05
N THR A 124 -9.68 3.37 -15.15
CA THR A 124 -9.62 4.78 -15.51
C THR A 124 -8.26 5.40 -15.26
N ALA A 125 -7.26 4.60 -14.90
CA ALA A 125 -5.92 5.11 -14.61
C ALA A 125 -4.96 4.87 -15.76
N ASP A 126 -4.06 5.85 -15.97
CA ASP A 126 -2.90 5.64 -16.81
C ASP A 126 -1.72 5.01 -16.05
N PHE A 127 -1.57 5.31 -14.76
CA PHE A 127 -0.41 4.88 -13.99
C PHE A 127 -0.81 4.39 -12.61
N LEU A 128 -0.31 3.21 -12.23
CA LEU A 128 -0.47 2.68 -10.88
C LEU A 128 0.90 2.58 -10.22
N PHE A 129 1.04 3.17 -9.04
CA PHE A 129 2.23 3.05 -8.19
C PHE A 129 1.90 2.13 -7.03
N LEU A 130 2.54 0.96 -6.99
CA LEU A 130 2.26 -0.03 -5.94
C LEU A 130 3.51 -0.29 -5.12
N PRO A 131 3.51 0.06 -3.83
CA PRO A 131 4.61 -0.40 -2.96
C PRO A 131 4.45 -1.88 -2.71
N VAL A 132 5.51 -2.63 -2.94
CA VAL A 132 5.47 -4.09 -2.85
C VAL A 132 6.19 -4.51 -1.58
N SER A 133 5.45 -5.12 -0.66
CA SER A 133 6.00 -5.70 0.55
C SER A 133 6.00 -7.21 0.38
N ASP A 134 6.97 -7.85 1.02
CA ASP A 134 7.03 -9.31 1.02
C ASP A 134 6.49 -9.90 2.32
N ALA A 135 5.61 -9.17 3.00
CA ALA A 135 4.99 -9.73 4.19
C ALA A 135 4.14 -10.94 3.83
N SER A 136 3.96 -11.82 4.80
CA SER A 136 3.17 -13.01 4.57
C SER A 136 1.68 -12.66 4.57
N ASP A 137 0.89 -13.47 3.84
CA ASP A 137 -0.57 -13.34 3.83
C ASP A 137 -1.22 -13.99 5.05
N THR A 138 -0.50 -14.86 5.74
CA THR A 138 -1.06 -15.74 6.76
C THR A 138 -0.33 -15.68 8.10
N ASP A 139 0.99 -15.56 8.09
CA ASP A 139 1.80 -15.64 9.30
C ASP A 139 1.88 -14.29 9.98
N ARG A 140 1.29 -14.19 11.18
CA ARG A 140 1.33 -12.94 11.93
C ARG A 140 2.74 -12.50 12.28
N HIS A 141 3.70 -13.42 12.36
CA HIS A 141 5.06 -13.09 12.75
C HIS A 141 5.99 -12.76 11.59
N GLN A 142 5.50 -12.73 10.35
CA GLN A 142 6.32 -12.41 9.18
C GLN A 142 5.72 -11.16 8.55
N ARG A 143 6.10 -9.99 9.05
CA ARG A 143 5.48 -8.76 8.64
C ARG A 143 6.25 -8.05 7.53
N GLY A 144 7.22 -8.74 6.94
CA GLY A 144 7.95 -8.21 5.79
C GLY A 144 9.42 -8.00 6.06
N SER A 145 10.22 -8.05 5.02
CA SER A 145 11.64 -7.72 5.13
C SER A 145 12.09 -6.65 4.14
N HIS A 146 11.29 -6.34 3.11
CA HIS A 146 11.82 -5.58 1.99
C HIS A 146 10.69 -4.84 1.27
N TRP A 147 10.99 -3.63 0.79
CA TRP A 147 10.08 -2.84 -0.03
C TRP A 147 10.64 -2.72 -1.45
N SER A 148 9.77 -2.83 -2.46
CA SER A 148 10.13 -2.47 -3.83
C SER A 148 8.96 -1.72 -4.45
N LEU A 149 9.13 -1.24 -5.68
CA LEU A 149 8.12 -0.41 -6.32
C LEU A 149 7.71 -0.98 -7.67
N LEU A 150 6.41 -1.12 -7.91
CA LEU A 150 5.89 -1.51 -9.22
C LEU A 150 5.13 -0.33 -9.80
N LEU A 151 5.57 0.16 -10.96
CA LEU A 151 4.82 1.17 -11.71
C LEU A 151 4.19 0.50 -12.91
N VAL A 152 2.85 0.43 -12.92
CA VAL A 152 2.13 -0.16 -14.04
C VAL A 152 1.70 0.99 -14.96
N ASP A 153 2.13 0.94 -16.21
CA ASP A 153 1.77 1.93 -17.23
C ASP A 153 0.72 1.31 -18.13
N ARG A 154 -0.52 1.81 -18.03
CA ARG A 154 -1.65 1.26 -18.78
C ARG A 154 -1.99 2.08 -20.01
N ARG A 155 -1.18 3.09 -20.36
CA ARG A 155 -1.54 4.02 -21.42
C ARG A 155 -1.87 3.30 -22.72
N ASP A 156 -1.13 2.25 -23.00
CA ASP A 156 -1.44 1.48 -24.21
C ASP A 156 -2.28 0.30 -23.74
N ARG A 157 -3.61 0.44 -23.74
CA ARG A 157 -4.50 -0.66 -23.29
C ARG A 157 -4.52 -1.79 -24.32
N GLY A 158 -3.47 -2.60 -24.34
CA GLY A 158 -3.20 -3.72 -25.25
C GLY A 158 -1.82 -4.24 -24.94
N ARG A 159 -0.97 -3.40 -24.35
CA ARG A 159 0.38 -3.84 -23.96
C ARG A 159 0.76 -3.17 -22.62
N ARG A 160 -0.04 -3.34 -21.57
CA ARG A 160 0.32 -2.73 -20.30
C ARG A 160 1.61 -3.35 -19.77
N VAL A 161 2.45 -2.53 -19.16
CA VAL A 161 3.72 -3.00 -18.64
C VAL A 161 3.87 -2.57 -17.19
N ALA A 162 4.36 -3.49 -16.35
CA ALA A 162 4.62 -3.22 -14.95
C ALA A 162 6.14 -3.13 -14.76
N TYR A 163 6.64 -1.91 -14.54
CA TYR A 163 8.07 -1.69 -14.33
C TYR A 163 8.40 -1.91 -12.85
N HIS A 164 9.33 -2.81 -12.57
CA HIS A 164 9.68 -3.18 -11.20
C HIS A 164 11.00 -2.53 -10.82
N TYR A 165 10.95 -1.61 -9.87
CA TYR A 165 12.13 -0.92 -9.36
C TYR A 165 12.45 -1.52 -7.99
N ASP A 166 13.53 -2.30 -7.95
CA ASP A 166 13.92 -3.01 -6.72
C ASP A 166 15.34 -2.60 -6.36
N SER A 167 15.51 -1.96 -5.20
CA SER A 167 16.82 -1.48 -4.77
C SER A 167 17.71 -2.60 -4.28
N THR A 168 17.21 -3.85 -4.20
CA THR A 168 18.00 -5.09 -4.23
C THR A 168 17.50 -5.94 -5.39
N GLN A 169 18.18 -5.83 -6.54
CA GLN A 169 17.62 -6.36 -7.79
C GLN A 169 17.24 -7.82 -7.68
N GLY A 170 15.96 -8.11 -8.00
CA GLY A 170 15.45 -9.46 -8.03
C GLY A 170 14.82 -9.93 -6.74
N TYR A 171 14.98 -9.19 -5.64
CA TYR A 171 14.50 -9.65 -4.34
C TYR A 171 13.01 -9.94 -4.37
N ASN A 172 12.20 -8.96 -4.78
CA ASN A 172 10.75 -9.07 -4.76
C ASN A 172 10.18 -9.54 -6.11
N ASP A 173 11.01 -10.06 -7.01
CA ASP A 173 10.54 -10.31 -8.38
C ASP A 173 9.39 -11.30 -8.41
N GLY A 174 9.42 -12.33 -7.57
CA GLY A 174 8.29 -13.25 -7.51
C GLY A 174 6.98 -12.54 -7.25
N LEU A 175 6.96 -11.66 -6.25
CA LEU A 175 5.71 -10.98 -5.91
C LEU A 175 5.35 -9.94 -6.96
N ALA A 176 6.36 -9.26 -7.51
CA ALA A 176 6.10 -8.31 -8.59
C ALA A 176 5.38 -8.97 -9.75
N ALA A 177 5.79 -10.20 -10.10
CA ALA A 177 5.15 -10.91 -11.20
C ALA A 177 3.71 -11.27 -10.87
N GLU A 178 3.44 -11.63 -9.61
CA GLU A 178 2.07 -11.91 -9.20
C GLU A 178 1.19 -10.67 -9.35
N LEU A 179 1.67 -9.53 -8.85
CA LEU A 179 0.91 -8.28 -8.95
C LEU A 179 0.66 -7.89 -10.41
N ALA A 180 1.69 -7.99 -11.25
CA ALA A 180 1.53 -7.60 -12.66
C ALA A 180 0.48 -8.47 -13.33
N GLY A 181 0.51 -9.78 -13.06
CA GLY A 181 -0.51 -10.66 -13.62
C GLY A 181 -1.92 -10.26 -13.19
N ARG A 182 -2.10 -9.96 -11.91
CA ARG A 182 -3.40 -9.49 -11.45
C ARG A 182 -3.81 -8.18 -12.10
N LEU A 183 -2.86 -7.38 -12.60
CA LEU A 183 -3.17 -6.12 -13.23
C LEU A 183 -3.08 -6.16 -14.75
N ASP A 184 -2.95 -7.36 -15.33
CA ASP A 184 -2.91 -7.55 -16.79
C ASP A 184 -1.73 -6.82 -17.42
N ALA A 185 -0.57 -6.89 -16.78
CA ALA A 185 0.63 -6.23 -17.26
C ALA A 185 1.75 -7.25 -17.39
N ASN A 186 2.66 -6.99 -18.33
CA ASN A 186 3.89 -7.76 -18.46
C ASN A 186 4.95 -7.16 -17.56
N LEU A 187 5.55 -8.02 -16.72
CA LEU A 187 6.61 -7.59 -15.81
C LEU A 187 7.90 -7.28 -16.55
N GLN A 188 8.53 -6.17 -16.18
CA GLN A 188 9.82 -5.78 -16.75
C GLN A 188 10.67 -5.18 -15.63
N GLN A 189 11.85 -5.74 -15.39
CA GLN A 189 12.74 -5.15 -14.40
C GLN A 189 13.20 -3.79 -14.90
N ALA A 190 13.11 -2.78 -14.04
CA ALA A 190 13.51 -1.43 -14.42
C ALA A 190 14.64 -0.96 -13.51
N PRO A 191 15.59 -0.17 -14.04
CA PRO A 191 16.80 0.15 -13.26
C PRO A 191 16.55 1.20 -12.19
N ILE A 192 17.04 0.90 -10.98
CA ILE A 192 17.08 1.87 -9.89
C ILE A 192 18.42 1.71 -9.19
N ARG A 193 18.96 2.82 -8.71
CA ARG A 193 20.13 2.79 -7.84
C ARG A 193 19.93 1.76 -6.74
N GLN A 194 20.98 0.97 -6.48
CA GLN A 194 20.88 -0.12 -5.51
C GLN A 194 21.20 0.38 -4.12
N GLN A 195 20.52 -0.18 -3.13
CA GLN A 195 20.67 0.30 -1.76
C GLN A 195 22.06 -0.04 -1.22
N GLN A 196 22.59 0.86 -0.39
CA GLN A 196 23.91 0.71 0.20
C GLN A 196 23.86 0.40 1.70
N ASN A 197 22.67 0.22 2.28
CA ASN A 197 22.55 -0.15 3.69
C ASN A 197 21.33 -1.06 3.83
N SER A 198 21.07 -1.49 5.06
CA SER A 198 20.05 -2.50 5.34
C SER A 198 18.69 -1.90 5.70
N TYR A 199 18.50 -0.58 5.60
CA TYR A 199 17.26 -0.01 6.12
C TYR A 199 16.56 0.97 5.18
N ASP A 200 17.11 1.32 4.01
CA ASP A 200 16.55 2.42 3.23
C ASP A 200 15.64 2.01 2.07
N CYS A 201 15.26 0.65 1.93
CA CYS A 201 14.49 0.26 0.75
C CYS A 201 13.17 1.02 0.65
N GLY A 202 12.53 1.25 1.77
CA GLY A 202 11.30 2.02 1.75
C GLY A 202 11.50 3.45 1.26
N VAL A 203 12.68 4.02 1.54
CA VAL A 203 12.97 5.37 1.07
C VAL A 203 13.21 5.37 -0.44
N PHE A 204 13.83 4.31 -0.97
CA PHE A 204 13.97 4.17 -2.42
C PHE A 204 12.60 4.12 -3.08
N VAL A 205 11.66 3.38 -2.48
CA VAL A 205 10.30 3.29 -3.00
C VAL A 205 9.64 4.67 -3.04
N LEU A 206 9.75 5.42 -1.93
CA LEU A 206 9.08 6.71 -1.83
C LEU A 206 9.75 7.77 -2.70
N ASP A 207 11.09 7.87 -2.65
CA ASP A 207 11.73 8.86 -3.50
C ASP A 207 11.71 8.44 -4.97
N GLY A 208 11.71 7.14 -5.23
CA GLY A 208 11.57 6.71 -6.61
C GLY A 208 10.22 7.07 -7.17
N THR A 209 9.19 6.96 -6.33
CA THR A 209 7.84 7.34 -6.75
C THR A 209 7.80 8.82 -7.08
N ARG A 210 8.33 9.65 -6.19
CA ARG A 210 8.29 11.09 -6.40
C ARG A 210 9.08 11.50 -7.63
N GLU A 211 10.23 10.87 -7.86
CA GLU A 211 11.01 11.19 -9.06
C GLU A 211 10.27 10.76 -10.33
N LEU A 212 9.63 9.58 -10.31
CA LEU A 212 8.89 9.13 -11.49
C LEU A 212 7.74 10.07 -11.79
N VAL A 213 7.03 10.54 -10.76
CA VAL A 213 5.94 11.48 -10.96
C VAL A 213 6.45 12.74 -11.66
N ARG A 214 7.61 13.26 -11.22
CA ARG A 214 8.21 14.41 -11.91
C ARG A 214 8.50 14.10 -13.37
N ARG A 215 8.98 12.90 -13.66
CA ARG A 215 9.31 12.57 -15.05
C ARG A 215 8.06 12.38 -15.90
N LEU A 216 7.01 11.79 -15.32
CA LEU A 216 5.78 11.60 -16.08
C LEU A 216 5.11 12.93 -16.41
N ALA A 217 5.20 13.90 -15.50
CA ALA A 217 4.63 15.22 -15.77
C ALA A 217 5.29 15.85 -16.98
N ALA A 218 6.60 15.66 -17.12
CA ALA A 218 7.35 16.23 -18.25
C ALA A 218 7.35 15.21 -19.40
N ARG A 219 6.33 15.30 -20.25
CA ARG A 219 6.16 14.43 -21.41
C ARG A 219 5.77 13.01 -20.96
N PRO A 221 8.59 9.19 -20.28
CA PRO A 221 9.90 9.52 -20.84
C PRO A 221 11.03 8.70 -20.23
N ASP A 222 12.02 9.35 -19.66
CA ASP A 222 13.10 8.62 -19.02
C ASP A 222 12.58 8.00 -17.73
N LEU A 223 12.55 6.67 -17.69
CA LEU A 223 12.13 5.97 -16.48
C LEU A 223 13.30 5.24 -15.82
N ASN A 224 14.53 5.54 -16.23
CA ASN A 224 15.74 4.98 -15.63
C ASN A 224 16.04 5.72 -14.32
N LEU A 225 15.94 5.01 -13.20
CA LEU A 225 16.19 5.61 -11.89
C LEU A 225 17.59 5.28 -11.36
N ASN A 226 18.54 4.97 -12.24
CA ASN A 226 19.91 4.72 -11.79
C ASN A 226 20.52 5.94 -11.12
N ASN A 227 20.10 7.14 -11.52
CA ASN A 227 20.62 8.38 -10.96
C ASN A 227 19.77 8.92 -9.82
N LEU A 228 18.91 8.08 -9.23
CA LEU A 228 18.04 8.55 -8.17
C LEU A 228 18.85 8.96 -6.94
N VAL A 229 18.56 10.13 -6.40
CA VAL A 229 19.13 10.58 -5.14
C VAL A 229 18.03 10.53 -4.09
N ILE A 230 18.26 9.78 -3.03
CA ILE A 230 17.28 9.59 -1.98
C ILE A 230 17.69 10.45 -0.81
N SER A 231 16.73 10.75 0.07
CA SER A 231 17.04 11.51 1.27
C SER A 231 16.09 11.04 2.36
N ARG A 232 16.60 10.22 3.28
CA ARG A 232 15.80 9.90 4.46
C ARG A 232 15.49 11.17 5.25
N GLN A 233 16.48 12.08 5.34
CA GLN A 233 16.27 13.31 6.09
C GLN A 233 15.06 14.08 5.58
N GLU A 234 14.97 14.28 4.26
CA GLU A 234 13.83 14.99 3.72
C GLU A 234 12.53 14.23 3.96
N LEU A 235 12.59 12.89 3.98
CA LEU A 235 11.38 12.14 4.27
C LEU A 235 10.95 12.33 5.72
N ARG A 236 11.90 12.24 6.66
CA ARG A 236 11.55 12.43 8.06
C ARG A 236 10.95 13.81 8.30
N ASP A 237 11.45 14.83 7.57
CA ASP A 237 10.88 16.18 7.67
C ASP A 237 9.46 16.25 7.12
N ARG A 238 9.21 15.60 5.97
CA ARG A 238 7.86 15.57 5.42
C ARG A 238 6.87 14.97 6.41
N LEU A 239 7.20 13.80 6.97
CA LEU A 239 6.29 13.12 7.88
C LEU A 239 6.15 13.87 9.20
N GLY A 240 7.24 14.47 9.68
CA GLY A 240 7.20 15.14 10.97
C GLY A 240 6.44 16.45 10.95
N ALA A 241 6.45 17.15 9.83
CA ALA A 241 5.76 18.44 9.72
C ALA A 241 4.25 18.22 9.67
N MET B 1 -25.06 -5.32 17.16
CA MET B 1 -25.15 -5.65 15.74
C MET B 1 -23.96 -6.47 15.26
N GLN B 2 -24.11 -7.04 14.08
CA GLN B 2 -23.15 -7.98 13.51
C GLN B 2 -22.34 -7.30 12.41
N ILE B 3 -21.01 -7.42 12.47
CA ILE B 3 -20.18 -7.10 11.32
C ILE B 3 -19.21 -8.25 11.07
N PHE B 4 -18.66 -8.27 9.86
CA PHE B 4 -17.75 -9.30 9.41
C PHE B 4 -16.39 -8.68 9.10
N VAL B 5 -15.32 -9.38 9.45
CA VAL B 5 -13.98 -8.94 9.13
C VAL B 5 -13.34 -9.98 8.24
N LYS B 6 -12.93 -9.57 7.06
CA LYS B 6 -12.35 -10.48 6.08
C LYS B 6 -10.83 -10.37 6.13
N THR B 7 -10.19 -11.53 6.27
CA THR B 7 -8.76 -11.80 6.29
C THR B 7 -8.20 -11.90 4.86
N LEU B 8 -6.88 -11.68 4.72
CA LEU B 8 -6.24 -11.80 3.41
C LEU B 8 -6.43 -13.17 2.77
N THR B 9 -6.49 -14.23 3.58
CA THR B 9 -6.78 -15.56 3.07
C THR B 9 -8.26 -15.78 2.75
N GLY B 10 -9.13 -14.80 3.02
CA GLY B 10 -10.55 -14.94 2.75
C GLY B 10 -11.36 -15.47 3.91
N LYS B 11 -10.74 -15.70 5.07
CA LYS B 11 -11.46 -16.16 6.25
C LYS B 11 -12.33 -15.04 6.80
N THR B 12 -13.47 -15.41 7.37
CA THR B 12 -14.43 -14.43 7.88
C THR B 12 -14.47 -14.48 9.41
N ILE B 13 -14.10 -13.36 10.04
CA ILE B 13 -14.27 -13.20 11.48
C ILE B 13 -15.58 -12.49 11.72
N THR B 14 -16.42 -13.05 12.58
CA THR B 14 -17.72 -12.47 12.92
C THR B 14 -17.63 -11.78 14.27
N LEU B 15 -17.94 -10.48 14.30
CA LEU B 15 -17.88 -9.69 15.52
C LEU B 15 -19.26 -9.19 15.92
N GLU B 16 -19.46 -9.00 17.21
CA GLU B 16 -20.65 -8.34 17.75
C GLU B 16 -20.23 -6.98 18.29
N VAL B 17 -20.80 -5.91 17.73
CA VAL B 17 -20.34 -4.55 17.98
C VAL B 17 -21.55 -3.62 18.12
N GLU B 18 -21.30 -2.42 18.64
CA GLU B 18 -22.26 -1.32 18.61
C GLU B 18 -21.77 -0.21 17.68
N PRO B 19 -22.67 0.62 17.14
CA PRO B 19 -22.21 1.78 16.35
C PRO B 19 -21.29 2.72 17.12
N SER B 20 -21.46 2.83 18.43
CA SER B 20 -20.62 3.67 19.28
C SER B 20 -19.23 3.09 19.53
N ASP B 21 -18.95 1.86 19.07
CA ASP B 21 -17.67 1.24 19.35
C ASP B 21 -16.57 1.91 18.57
N THR B 22 -15.46 2.22 19.24
CA THR B 22 -14.31 2.75 18.54
C THR B 22 -13.61 1.65 17.73
N ILE B 23 -12.84 2.09 16.74
CA ILE B 23 -12.05 1.16 15.94
C ILE B 23 -11.12 0.37 16.82
N GLU B 24 -10.51 1.04 17.81
CA GLU B 24 -9.67 0.35 18.78
C GLU B 24 -10.46 -0.74 19.50
N ASN B 25 -11.72 -0.46 19.87
CA ASN B 25 -12.59 -1.48 20.48
C ASN B 25 -12.78 -2.68 19.56
N VAL B 26 -12.94 -2.43 18.26
CA VAL B 26 -13.11 -3.50 17.30
C VAL B 26 -11.84 -4.34 17.19
N LYS B 27 -10.67 -3.70 17.17
CA LYS B 27 -9.43 -4.46 17.11
C LYS B 27 -9.26 -5.34 18.34
N ALA B 28 -9.67 -4.84 19.50
CA ALA B 28 -9.65 -5.65 20.71
C ALA B 28 -10.52 -6.88 20.55
N LYS B 29 -11.69 -6.70 19.94
CA LYS B 29 -12.61 -7.81 19.69
C LYS B 29 -12.01 -8.81 18.72
N ILE B 30 -11.23 -8.36 17.75
CA ILE B 30 -10.51 -9.29 16.89
C ILE B 30 -9.45 -10.05 17.71
N GLN B 31 -8.72 -9.34 18.57
CA GLN B 31 -7.74 -10.00 19.43
C GLN B 31 -8.40 -11.06 20.28
N ASP B 32 -9.62 -10.78 20.77
CA ASP B 32 -10.32 -11.72 21.64
C ASP B 32 -10.54 -13.06 20.95
N LYS B 33 -10.76 -13.07 19.63
CA LYS B 33 -10.99 -14.29 18.86
C LYS B 33 -9.71 -14.84 18.21
N GLU B 34 -8.88 -13.98 17.63
CA GLU B 34 -7.73 -14.45 16.88
C GLU B 34 -6.40 -14.36 17.64
N GLY B 35 -6.30 -13.53 18.68
CA GLY B 35 -5.05 -13.39 19.42
C GLY B 35 -4.06 -12.45 18.79
N ILE B 36 -4.47 -11.66 17.80
CA ILE B 36 -3.60 -10.72 17.12
C ILE B 36 -3.60 -9.40 17.89
N PRO B 37 -2.46 -8.92 18.37
CA PRO B 37 -2.44 -7.66 19.14
C PRO B 37 -2.97 -6.51 18.29
N PRO B 38 -3.75 -5.59 18.87
CA PRO B 38 -4.28 -4.47 18.07
C PRO B 38 -3.22 -3.68 17.33
N ASP B 39 -2.03 -3.53 17.90
CA ASP B 39 -1.00 -2.74 17.25
C ASP B 39 -0.52 -3.35 15.94
N GLN B 40 -0.81 -4.63 15.68
CA GLN B 40 -0.47 -5.25 14.40
C GLN B 40 -1.58 -5.11 13.36
N GLN B 41 -2.79 -4.75 13.75
CA GLN B 41 -3.93 -4.75 12.84
C GLN B 41 -4.10 -3.42 12.11
N ARG B 42 -4.54 -3.51 10.87
CA ARG B 42 -5.15 -2.41 10.15
C ARG B 42 -6.52 -2.85 9.65
N LEU B 43 -7.51 -1.96 9.76
CA LEU B 43 -8.85 -2.25 9.30
C LEU B 43 -9.20 -1.27 8.18
N ILE B 44 -9.72 -1.80 7.08
CA ILE B 44 -10.04 -1.03 5.89
C ILE B 44 -11.53 -1.17 5.58
N PHE B 45 -12.18 -0.06 5.24
CA PHE B 45 -13.56 -0.05 4.77
C PHE B 45 -13.65 0.91 3.59
N ALA B 46 -14.25 0.46 2.49
CA ALA B 46 -14.40 1.29 1.29
C ALA B 46 -13.06 1.87 0.83
N GLY B 47 -11.98 1.11 1.01
CA GLY B 47 -10.69 1.56 0.54
C GLY B 47 -9.90 2.43 1.51
N LYS B 48 -10.47 2.80 2.66
CA LYS B 48 -9.80 3.70 3.60
C LYS B 48 -9.46 2.98 4.89
N GLN B 49 -8.30 3.29 5.45
CA GLN B 49 -7.94 2.79 6.76
C GLN B 49 -8.72 3.53 7.84
N LEU B 50 -9.09 2.80 8.89
CA LEU B 50 -9.92 3.33 9.97
C LEU B 50 -9.03 3.72 11.15
N GLU B 51 -9.23 4.94 11.66
CA GLU B 51 -8.42 5.46 12.75
C GLU B 51 -8.94 4.96 14.10
N ASP B 52 -8.02 4.64 15.01
CA ASP B 52 -8.39 3.95 16.24
C ASP B 52 -9.37 4.75 17.09
N GLY B 53 -9.36 6.09 16.95
CA GLY B 53 -10.17 6.94 17.80
C GLY B 53 -11.59 7.14 17.32
N ARG B 54 -11.86 6.87 16.04
CA ARG B 54 -13.21 7.06 15.54
C ARG B 54 -14.09 5.85 15.85
N THR B 55 -15.38 6.06 15.75
CA THR B 55 -16.37 5.01 15.95
C THR B 55 -16.78 4.39 14.61
N LEU B 56 -17.46 3.26 14.70
CA LEU B 56 -18.04 2.65 13.50
C LEU B 56 -19.01 3.62 12.82
N SER B 57 -19.86 4.26 13.62
CA SER B 57 -20.87 5.15 13.06
C SER B 57 -20.21 6.34 12.35
N ASP B 58 -19.05 6.78 12.84
CA ASP B 58 -18.31 7.83 12.14
C ASP B 58 -18.07 7.46 10.68
N TYR B 59 -17.71 6.21 10.42
CA TYR B 59 -17.44 5.78 9.06
C TYR B 59 -18.67 5.24 8.35
N ASN B 60 -19.86 5.46 8.92
CA ASN B 60 -21.11 4.96 8.35
C ASN B 60 -21.07 3.44 8.14
N ILE B 61 -20.42 2.74 9.06
CA ILE B 61 -20.40 1.28 9.05
C ILE B 61 -21.64 0.81 9.80
N GLN B 62 -22.52 0.12 9.09
CA GLN B 62 -23.79 -0.30 9.63
C GLN B 62 -23.84 -1.82 9.70
N LYS B 63 -24.93 -2.32 10.30
CA LYS B 63 -25.14 -3.75 10.51
C LYS B 63 -24.82 -4.52 9.24
N GLU B 64 -24.11 -5.64 9.40
CA GLU B 64 -23.73 -6.59 8.35
C GLU B 64 -22.66 -6.06 7.39
N SER B 65 -22.02 -4.93 7.69
CA SER B 65 -20.91 -4.48 6.85
C SER B 65 -19.74 -5.46 6.91
N THR B 66 -18.92 -5.45 5.86
CA THR B 66 -17.68 -6.21 5.85
C THR B 66 -16.49 -5.25 5.88
N LEU B 67 -15.62 -5.44 6.86
CA LEU B 67 -14.32 -4.78 6.92
C LEU B 67 -13.24 -5.76 6.48
N HIS B 68 -12.11 -5.21 6.08
CA HIS B 68 -10.96 -6.02 5.70
C HIS B 68 -9.81 -5.80 6.68
N LEU B 69 -9.25 -6.91 7.16
CA LEU B 69 -8.12 -6.90 8.08
C LEU B 69 -6.84 -7.17 7.29
N VAL B 70 -5.86 -6.27 7.39
CA VAL B 70 -4.52 -6.50 6.85
C VAL B 70 -3.51 -6.18 7.94
N LEU B 71 -2.63 -7.13 8.24
CA LEU B 71 -1.63 -6.90 9.28
C LEU B 71 -0.54 -5.96 8.77
N ARG B 72 0.11 -5.28 9.74
CA ARG B 72 1.08 -4.24 9.43
C ARG B 72 2.23 -4.79 8.59
N LEU B 73 2.87 -3.88 7.86
CA LEU B 73 3.96 -4.21 6.97
C LEU B 73 5.20 -3.44 7.39
N ARG B 74 6.37 -4.04 7.14
CA ARG B 74 7.61 -3.31 7.37
C ARG B 74 8.68 -3.90 6.45
N GLY B 75 9.72 -3.10 6.21
CA GLY B 75 10.77 -3.51 5.30
C GLY B 75 11.97 -2.58 5.29
#